data_4QJP
#
_entry.id   4QJP
#
_cell.length_a   56.043
_cell.length_b   57.544
_cell.length_c   159.521
_cell.angle_alpha   90.000
_cell.angle_beta   90.000
_cell.angle_gamma   90.000
#
_symmetry.space_group_name_H-M   'P 21 21 21'
#
loop_
_entity.id
_entity.type
_entity.pdbx_description
1 polymer 'Carbonic anhydrase 13'
2 non-polymer 'ZINC ION'
3 non-polymer DI(HYDROXYETHYL)ETHER
4 non-polymer 3-(benzylamino)-2,5,6-trifluoro-4-[(2-phenylethyl)sulfonyl]benzenesulfonamide
5 non-polymer 1,2-ETHANEDIOL
6 non-polymer 'CITRIC ACID'
7 water water
#
_entity_poly.entity_id   1
_entity_poly.type   'polypeptide(L)'
_entity_poly.pdbx_seq_one_letter_code
;MMSRLSWGYREHNGPIHWKEFFPIADGDQQSPIEIKTKEVKYDSSLRPLSIKYDPSSAKIISNSGHSFNVDFDDTENKSV
LRGGPLTGSYRLRQVHLHWGSADDHGSEHIVDGVSYAAELHVVHWNSDKYPSFVEAAHEPDGLAVLGVFLQIGEPNSQLQ
KITDTLDSIKEKGKQTRFTNFDLLSLLPPSWDYWTYPGSLTVPPLLESVTWIVLKQPINISSQQLAKFRSLLCTAEGEAA
AFLVSNHRPPQPLKGRKVRASFH
;
_entity_poly.pdbx_strand_id   B,A
#
# COMPACT_ATOMS: atom_id res chain seq x y z
N SER A 6 -8.42 -9.09 35.68
CA SER A 6 -8.15 -7.68 36.17
C SER A 6 -6.62 -7.33 36.13
N TRP A 7 -5.93 -7.82 35.11
CA TRP A 7 -4.51 -7.41 34.94
C TRP A 7 -4.50 -5.98 34.42
N GLY A 8 -3.36 -5.31 34.58
CA GLY A 8 -3.23 -3.93 34.08
C GLY A 8 -1.81 -3.49 34.15
N TYR A 9 -1.59 -2.19 34.52
CA TYR A 9 -0.23 -1.67 34.54
C TYR A 9 -0.06 -0.79 35.76
N ARG A 10 -1.00 -0.96 36.70
CA ARG A 10 -0.82 -0.41 38.09
C ARG A 10 0.13 -1.25 39.01
N GLU A 11 0.44 -0.72 40.20
CA GLU A 11 1.43 -1.38 41.07
C GLU A 11 1.07 -2.84 41.35
N HIS A 12 -0.21 -3.04 41.52
CA HIS A 12 -0.72 -4.30 42.06
C HIS A 12 -1.06 -5.33 41.02
N ASN A 13 -1.15 -4.89 39.78
CA ASN A 13 -1.74 -5.76 38.72
C ASN A 13 -0.88 -5.70 37.43
N GLY A 14 0.23 -4.99 37.51
CA GLY A 14 1.10 -4.67 36.36
C GLY A 14 2.01 -5.79 35.98
N PRO A 15 2.89 -5.56 35.00
CA PRO A 15 3.67 -6.58 34.33
C PRO A 15 4.44 -7.56 35.21
N ILE A 16 4.94 -7.07 36.38
CA ILE A 16 5.75 -7.93 37.27
C ILE A 16 4.90 -9.05 37.87
N HIS A 17 3.59 -8.84 37.95
CA HIS A 17 2.66 -9.77 38.56
C HIS A 17 1.93 -10.61 37.53
N TRP A 18 2.20 -10.43 36.20
CA TRP A 18 1.31 -11.13 35.30
C TRP A 18 1.56 -12.65 35.35
N LYS A 19 2.79 -13.04 35.68
CA LYS A 19 3.19 -14.49 35.77
C LYS A 19 2.27 -15.20 36.79
N GLU A 20 1.70 -14.44 37.71
CA GLU A 20 0.77 -15.02 38.69
C GLU A 20 -0.49 -15.62 38.15
N PHE A 21 -0.96 -15.07 37.04
CA PHE A 21 -2.11 -15.60 36.39
C PHE A 21 -1.83 -16.18 35.00
N PHE A 22 -0.67 -15.83 34.46
CA PHE A 22 -0.31 -16.19 33.07
C PHE A 22 1.08 -16.68 33.14
N PRO A 23 1.21 -17.95 33.50
CA PRO A 23 2.54 -18.50 33.68
C PRO A 23 3.46 -18.38 32.44
N ILE A 24 2.90 -18.41 31.21
CA ILE A 24 3.79 -18.25 30.02
C ILE A 24 4.55 -16.86 30.09
N ALA A 25 4.21 -15.97 31.04
CA ALA A 25 4.97 -14.72 31.18
C ALA A 25 6.45 -14.90 31.26
N ASP A 26 6.93 -16.01 31.86
CA ASP A 26 8.34 -16.31 31.91
C ASP A 26 8.85 -17.32 30.89
N GLY A 27 8.07 -17.53 29.80
CA GLY A 27 8.41 -18.37 28.66
C GLY A 27 9.67 -18.03 27.92
N ASP A 28 9.89 -18.81 26.87
CA ASP A 28 11.08 -18.70 26.09
C ASP A 28 10.87 -17.89 24.87
N GLN A 29 9.62 -17.50 24.50
CA GLN A 29 9.48 -16.72 23.30
C GLN A 29 8.58 -15.54 23.63
N GLN A 30 8.97 -14.78 24.64
CA GLN A 30 8.14 -13.67 25.12
C GLN A 30 8.59 -12.38 24.47
N SER A 31 7.65 -11.43 24.36
CA SER A 31 7.89 -10.13 23.79
C SER A 31 7.41 -9.06 24.76
N PRO A 32 7.89 -7.82 24.60
CA PRO A 32 8.84 -7.42 23.61
C PRO A 32 10.28 -7.76 24.03
N ILE A 33 11.24 -7.30 23.21
CA ILE A 33 12.65 -7.70 23.44
C ILE A 33 13.50 -6.44 23.26
N GLU A 34 14.80 -6.59 23.63
CA GLU A 34 15.87 -5.67 23.16
C GLU A 34 16.53 -6.19 21.92
N ILE A 35 16.67 -5.34 20.91
CA ILE A 35 17.36 -5.69 19.67
C ILE A 35 18.78 -5.06 19.77
N LYS A 36 19.76 -5.97 19.72
CA LYS A 36 21.24 -5.64 19.70
C LYS A 36 21.65 -5.69 18.22
N THR A 37 21.71 -4.55 17.55
CA THR A 37 21.89 -4.55 16.08
C THR A 37 23.22 -5.24 15.66
N LYS A 38 24.28 -5.10 16.45
CA LYS A 38 25.57 -5.72 16.09
C LYS A 38 25.51 -7.25 15.96
N GLU A 39 24.53 -7.86 16.62
CA GLU A 39 24.27 -9.28 16.52
C GLU A 39 23.14 -9.71 15.57
N VAL A 40 22.53 -8.78 14.85
CA VAL A 40 21.44 -9.13 13.93
C VAL A 40 22.02 -9.51 12.57
N LYS A 41 21.43 -10.46 11.87
CA LYS A 41 21.99 -10.78 10.55
C LYS A 41 20.99 -10.44 9.48
N TYR A 42 21.41 -9.70 8.45
CA TYR A 42 20.63 -9.57 7.22
C TYR A 42 20.24 -10.96 6.68
N ASP A 43 19.00 -11.08 6.20
CA ASP A 43 18.54 -12.30 5.56
C ASP A 43 17.97 -12.00 4.15
N SER A 44 18.75 -12.35 3.11
CA SER A 44 18.32 -12.10 1.73
C SER A 44 17.14 -12.96 1.33
N SER A 45 16.80 -13.99 2.14
CA SER A 45 15.61 -14.80 1.84
C SER A 45 14.23 -14.16 2.24
N LEU A 46 14.23 -13.11 3.06
CA LEU A 46 12.98 -12.36 3.25
C LEU A 46 12.45 -11.71 1.96
N ARG A 47 11.18 -11.94 1.61
CA ARG A 47 10.59 -11.34 0.45
C ARG A 47 10.14 -9.90 0.67
N PRO A 48 9.90 -9.16 -0.42
CA PRO A 48 9.41 -7.83 -0.18
C PRO A 48 8.17 -7.86 0.73
N LEU A 49 8.09 -6.91 1.65
CA LEU A 49 6.86 -6.73 2.47
C LEU A 49 5.78 -6.11 1.66
N SER A 50 4.53 -6.65 1.71
CA SER A 50 3.52 -6.17 0.88
C SER A 50 2.39 -5.69 1.81
N ILE A 51 2.00 -4.40 1.75
CA ILE A 51 0.94 -3.95 2.59
C ILE A 51 -0.19 -3.41 1.75
N LYS A 52 -1.31 -4.13 1.76
CA LYS A 52 -2.49 -3.66 1.08
C LYS A 52 -3.53 -3.31 2.10
N TYR A 53 -3.83 -2.02 2.29
N TYR A 53 -3.95 -2.03 2.04
CA TYR A 53 -4.83 -1.61 3.30
CA TYR A 53 -4.80 -1.46 3.07
C TYR A 53 -5.90 -0.70 2.75
C TYR A 53 -5.96 -0.70 2.53
N ASP A 54 -7.15 -1.05 3.04
CA ASP A 54 -8.34 -0.33 2.64
C ASP A 54 -8.86 0.45 3.81
N PRO A 55 -8.95 1.78 3.70
CA PRO A 55 -9.48 2.57 4.75
C PRO A 55 -10.91 2.17 5.18
N SER A 56 -11.71 1.60 4.29
CA SER A 56 -13.06 1.26 4.62
C SER A 56 -13.14 0.00 5.49
N SER A 57 -12.00 -0.70 5.72
CA SER A 57 -11.98 -1.88 6.54
C SER A 57 -12.10 -1.52 8.01
N ALA A 58 -11.68 -0.32 8.38
CA ALA A 58 -11.81 0.13 9.80
C ALA A 58 -13.28 0.24 10.15
N LYS A 59 -13.63 -0.27 11.30
CA LYS A 59 -15.05 -0.17 11.78
C LYS A 59 -15.27 0.66 13.02
N ILE A 60 -14.57 0.36 14.12
CA ILE A 60 -14.87 0.97 15.44
C ILE A 60 -13.54 1.32 16.11
N ILE A 61 -13.59 2.33 16.98
CA ILE A 61 -12.48 2.51 17.95
C ILE A 61 -13.07 2.37 19.34
N SER A 62 -12.35 1.74 20.27
CA SER A 62 -12.87 1.54 21.60
C SER A 62 -11.75 1.65 22.61
N ASN A 63 -12.15 1.89 23.86
CA ASN A 63 -11.22 1.86 24.96
C ASN A 63 -11.34 0.53 25.67
N SER A 64 -10.35 -0.31 25.54
CA SER A 64 -10.36 -1.65 26.13
C SER A 64 -9.98 -1.63 27.60
N GLY A 65 -9.57 -0.45 28.09
CA GLY A 65 -9.00 -0.31 29.46
C GLY A 65 -7.48 -0.42 29.49
N HIS A 66 -6.88 -0.93 28.40
CA HIS A 66 -5.45 -1.13 28.32
C HIS A 66 -4.81 -0.32 27.21
N SER A 67 -5.64 0.21 26.28
CA SER A 67 -5.19 1.09 25.16
C SER A 67 -6.46 1.50 24.40
N PHE A 68 -6.33 2.21 23.30
CA PHE A 68 -7.46 2.30 22.38
C PHE A 68 -7.24 1.16 21.42
N ASN A 69 -8.35 0.61 20.87
CA ASN A 69 -8.20 -0.43 19.82
C ASN A 69 -9.04 0.00 18.65
N VAL A 70 -8.42 0.07 17.46
CA VAL A 70 -9.24 0.29 16.20
C VAL A 70 -9.45 -1.11 15.65
N ASP A 71 -10.75 -1.49 15.52
CA ASP A 71 -10.99 -2.90 15.01
C ASP A 71 -11.42 -2.83 13.56
N PHE A 72 -10.96 -3.83 12.83
CA PHE A 72 -11.25 -3.94 11.36
C PHE A 72 -12.10 -5.14 11.03
N ASP A 73 -12.95 -4.86 10.03
N ASP A 73 -12.77 -5.09 9.89
CA ASP A 73 -13.69 -5.94 9.42
CA ASP A 73 -13.59 -6.22 9.44
C ASP A 73 -12.65 -6.91 8.90
C ASP A 73 -12.97 -7.57 9.77
N ASP A 74 -12.79 -8.16 9.38
N ASP A 74 -12.21 -8.07 8.81
CA ASP A 74 -11.88 -9.32 9.46
CA ASP A 74 -11.49 -9.32 8.97
C ASP A 74 -12.55 -10.68 8.95
C ASP A 74 -12.23 -10.60 8.59
N THR A 75 -13.40 -10.51 7.94
CA THR A 75 -13.82 -11.72 7.13
C THR A 75 -13.53 -11.47 5.65
N GLU A 76 -12.87 -10.36 5.33
CA GLU A 76 -12.51 -10.08 4.02
C GLU A 76 -10.98 -9.91 3.87
N ASN A 77 -10.45 -10.13 2.66
CA ASN A 77 -9.03 -9.90 2.38
C ASN A 77 -8.76 -8.54 1.70
N LYS A 78 -9.51 -7.51 2.08
CA LYS A 78 -9.27 -6.16 1.50
C LYS A 78 -7.99 -5.51 2.14
N SER A 79 -7.76 -5.88 3.40
CA SER A 79 -6.56 -5.31 4.13
C SER A 79 -5.77 -6.49 4.65
N VAL A 80 -4.62 -6.70 4.06
CA VAL A 80 -3.75 -7.86 4.35
C VAL A 80 -2.27 -7.51 4.30
N LEU A 81 -1.50 -8.27 5.06
CA LEU A 81 -0.04 -8.16 5.14
C LEU A 81 0.51 -9.45 4.63
N ARG A 82 1.39 -9.28 3.60
CA ARG A 82 2.03 -10.46 3.00
C ARG A 82 3.50 -10.20 2.82
N GLY A 83 4.26 -11.26 2.50
CA GLY A 83 5.67 -10.96 2.20
C GLY A 83 6.53 -10.91 3.45
N GLY A 84 7.67 -10.21 3.34
CA GLY A 84 8.56 -10.32 4.46
C GLY A 84 8.91 -11.76 4.89
N PRO A 85 8.77 -12.09 6.20
CA PRO A 85 9.01 -13.35 6.77
C PRO A 85 7.76 -14.31 6.72
N LEU A 86 6.65 -13.81 6.20
CA LEU A 86 5.39 -14.54 6.32
C LEU A 86 5.16 -15.49 5.13
N THR A 87 4.59 -16.63 5.50
CA THR A 87 3.97 -17.56 4.50
C THR A 87 2.47 -17.33 4.44
N GLY A 88 1.95 -16.95 3.27
CA GLY A 88 0.52 -16.72 3.17
C GLY A 88 0.06 -15.33 3.57
N SER A 89 -1.25 -15.19 3.70
CA SER A 89 -1.89 -13.88 3.81
C SER A 89 -2.37 -13.72 5.26
N TYR A 90 -1.93 -12.61 5.88
CA TYR A 90 -2.37 -12.29 7.26
C TYR A 90 -3.27 -11.11 7.23
N ARG A 91 -4.49 -11.33 7.72
CA ARG A 91 -5.61 -10.38 7.64
C ARG A 91 -5.49 -9.32 8.73
N LEU A 92 -5.59 -8.08 8.38
CA LEU A 92 -5.58 -6.99 9.45
C LEU A 92 -6.73 -7.14 10.43
N ARG A 93 -6.43 -7.14 11.74
CA ARG A 93 -7.44 -7.25 12.79
C ARG A 93 -7.62 -6.00 13.60
N GLN A 94 -6.50 -5.39 14.09
CA GLN A 94 -6.63 -4.29 15.01
C GLN A 94 -5.38 -3.44 15.10
N VAL A 95 -5.54 -2.21 15.50
CA VAL A 95 -4.35 -1.34 15.74
C VAL A 95 -4.55 -0.80 17.16
N HIS A 96 -3.40 -0.66 17.88
CA HIS A 96 -3.43 -0.01 19.26
C HIS A 96 -2.06 0.56 19.48
N LEU A 97 -1.93 1.21 20.65
CA LEU A 97 -0.69 2.02 20.89
C LEU A 97 -0.24 1.79 22.37
N HIS A 98 1.11 1.79 22.57
CA HIS A 98 1.71 1.68 23.93
C HIS A 98 2.48 3.00 24.16
N TRP A 99 2.44 3.45 25.41
CA TRP A 99 3.24 4.68 25.79
C TRP A 99 3.62 4.50 27.23
N GLY A 100 4.41 5.47 27.73
CA GLY A 100 4.82 5.49 29.14
C GLY A 100 4.31 6.78 29.78
N SER A 101 4.61 6.94 31.09
CA SER A 101 4.08 8.11 31.82
C SER A 101 4.87 9.35 31.53
N ALA A 102 6.03 9.19 30.94
CA ALA A 102 6.71 10.34 30.41
C ALA A 102 7.26 10.11 28.99
N ASP A 103 7.61 11.21 28.30
CA ASP A 103 8.00 11.07 26.90
C ASP A 103 9.29 10.37 26.64
N ASP A 104 10.15 10.22 27.64
CA ASP A 104 11.50 9.67 27.35
C ASP A 104 11.53 8.16 27.20
N HIS A 105 10.45 7.46 27.59
CA HIS A 105 10.45 6.01 27.34
C HIS A 105 8.98 5.58 27.30
N GLY A 106 8.67 4.48 26.65
CA GLY A 106 7.23 4.18 26.48
C GLY A 106 7.14 3.12 25.44
N SER A 107 8.14 3.06 24.58
CA SER A 107 8.09 1.91 23.62
C SER A 107 8.25 0.55 24.33
N GLU A 108 7.77 -0.49 23.63
CA GLU A 108 7.94 -1.85 24.16
C GLU A 108 9.26 -2.42 23.71
N HIS A 109 9.51 -2.50 22.41
CA HIS A 109 10.84 -2.82 21.95
C HIS A 109 11.83 -1.71 22.21
N ILE A 110 13.08 -2.14 22.42
CA ILE A 110 14.18 -1.15 22.68
C ILE A 110 15.33 -1.55 21.80
N VAL A 111 15.90 -0.56 21.10
CA VAL A 111 16.91 -0.83 20.09
C VAL A 111 18.26 -0.28 20.52
N ASP A 112 19.21 -1.17 20.74
CA ASP A 112 20.59 -0.74 21.26
C ASP A 112 20.43 0.27 22.39
N GLY A 113 19.55 -0.07 23.32
CA GLY A 113 19.30 0.68 24.56
C GLY A 113 18.45 1.95 24.41
N VAL A 114 18.08 2.31 23.17
CA VAL A 114 17.19 3.41 22.86
C VAL A 114 15.66 3.08 22.94
N SER A 115 14.96 3.85 23.77
N SER A 115 14.98 3.75 23.84
CA SER A 115 13.51 3.72 24.01
CA SER A 115 13.54 3.72 23.88
C SER A 115 12.73 4.94 23.47
C SER A 115 13.02 4.90 23.05
N TYR A 116 11.83 4.70 22.54
CA TYR A 116 11.06 5.76 21.92
C TYR A 116 9.88 6.16 22.84
N ALA A 117 9.14 7.20 22.55
CA ALA A 117 8.06 7.68 23.35
C ALA A 117 6.86 6.72 23.36
N ALA A 118 6.69 6.06 22.23
CA ALA A 118 5.43 5.21 22.13
C ALA A 118 5.67 4.24 20.96
N GLU A 119 4.80 3.22 20.86
CA GLU A 119 5.00 2.16 19.86
C GLU A 119 3.57 1.76 19.39
N LEU A 120 3.35 1.81 18.08
CA LEU A 120 2.04 1.46 17.51
C LEU A 120 2.14 -0.01 17.08
N HIS A 121 1.06 -0.81 17.30
CA HIS A 121 1.10 -2.20 16.87
C HIS A 121 -0.07 -2.43 15.93
N VAL A 122 0.23 -3.15 14.82
CA VAL A 122 -0.80 -3.48 13.79
C VAL A 122 -0.84 -5.01 13.82
N VAL A 123 -2.03 -5.52 14.25
CA VAL A 123 -2.16 -6.95 14.53
C VAL A 123 -2.93 -7.63 13.34
N HIS A 124 -2.33 -8.71 12.85
CA HIS A 124 -2.89 -9.45 11.67
C HIS A 124 -2.90 -10.92 12.08
N TRP A 125 -3.76 -11.70 11.37
CA TRP A 125 -3.79 -13.12 11.67
C TRP A 125 -3.93 -14.03 10.39
N ASN A 126 -3.46 -15.28 10.54
CA ASN A 126 -3.30 -16.14 9.35
C ASN A 126 -4.67 -16.78 8.96
N SER A 127 -5.38 -16.09 8.08
CA SER A 127 -6.76 -16.56 7.66
C SER A 127 -6.54 -17.58 6.53
N ASP A 128 -5.32 -17.79 6.09
CA ASP A 128 -5.10 -18.90 5.10
C ASP A 128 -5.14 -20.24 5.79
N LYS A 129 -4.83 -20.31 7.09
CA LYS A 129 -4.83 -21.55 7.86
C LYS A 129 -5.85 -21.70 8.91
N TYR A 130 -6.24 -20.58 9.53
CA TYR A 130 -7.07 -20.63 10.75
C TYR A 130 -8.42 -19.97 10.59
N PRO A 131 -9.43 -20.39 11.37
CA PRO A 131 -10.84 -19.98 11.10
C PRO A 131 -11.18 -18.64 11.69
N SER A 132 -10.37 -18.13 12.64
CA SER A 132 -10.74 -16.90 13.33
C SER A 132 -9.42 -16.37 13.96
N PHE A 133 -9.48 -15.08 14.28
CA PHE A 133 -8.37 -14.44 14.99
C PHE A 133 -8.12 -15.17 16.32
N VAL A 134 -9.18 -15.53 17.04
CA VAL A 134 -9.03 -16.08 18.34
C VAL A 134 -8.38 -17.44 18.28
N GLU A 135 -8.74 -18.26 17.29
N GLU A 135 -8.75 -18.24 17.28
CA GLU A 135 -8.01 -19.52 17.08
CA GLU A 135 -8.07 -19.49 17.10
C GLU A 135 -6.54 -19.31 16.70
C GLU A 135 -6.58 -19.30 16.69
N ALA A 136 -6.32 -18.41 15.75
CA ALA A 136 -4.97 -18.14 15.23
C ALA A 136 -4.00 -17.64 16.35
N ALA A 137 -4.58 -16.92 17.29
CA ALA A 137 -3.77 -16.51 18.48
C ALA A 137 -3.19 -17.64 19.31
N HIS A 138 -3.65 -18.90 19.16
CA HIS A 138 -3.09 -20.01 19.85
C HIS A 138 -2.21 -20.90 18.98
N GLU A 139 -1.71 -20.38 17.85
CA GLU A 139 -0.92 -21.17 16.97
C GLU A 139 0.41 -20.47 16.74
N PRO A 140 1.55 -21.19 16.68
CA PRO A 140 2.80 -20.43 16.38
C PRO A 140 2.91 -19.51 15.22
N ASP A 141 2.29 -19.85 14.06
CA ASP A 141 2.37 -19.04 12.88
C ASP A 141 1.00 -18.37 12.79
N GLY A 142 0.30 -18.19 13.93
CA GLY A 142 -1.07 -17.67 13.85
C GLY A 142 -1.17 -16.11 13.61
N LEU A 143 -0.22 -15.35 14.25
CA LEU A 143 -0.32 -13.91 14.28
C LEU A 143 0.92 -13.22 13.68
N ALA A 144 0.73 -12.08 13.14
CA ALA A 144 1.87 -11.19 12.70
C ALA A 144 1.60 -9.81 13.11
N VAL A 145 2.57 -9.17 13.81
CA VAL A 145 2.29 -7.82 14.35
C VAL A 145 3.38 -6.93 13.80
N LEU A 146 2.97 -5.80 13.22
CA LEU A 146 3.91 -4.78 12.77
C LEU A 146 4.05 -3.84 13.97
N GLY A 147 5.30 -3.51 14.34
CA GLY A 147 5.57 -2.47 15.35
C GLY A 147 6.14 -1.21 14.66
N VAL A 148 5.67 -0.04 15.06
CA VAL A 148 6.19 1.24 14.52
C VAL A 148 6.53 2.01 15.78
N PHE A 149 7.80 2.52 15.84
CA PHE A 149 8.07 3.47 16.89
C PHE A 149 7.63 4.88 16.67
N LEU A 150 7.29 5.58 17.74
CA LEU A 150 6.94 7.00 17.69
C LEU A 150 7.98 7.74 18.53
N GLN A 151 8.60 8.74 17.91
CA GLN A 151 9.59 9.59 18.58
C GLN A 151 9.03 10.98 18.74
N ILE A 152 9.42 11.68 19.83
CA ILE A 152 8.90 13.03 19.99
C ILE A 152 9.43 13.91 18.85
N GLY A 153 8.52 14.57 18.15
CA GLY A 153 8.98 15.51 17.11
C GLY A 153 7.80 16.36 16.75
N GLU A 154 7.78 16.74 15.51
CA GLU A 154 6.76 17.77 15.20
C GLU A 154 5.43 17.04 15.14
N PRO A 155 4.29 17.72 15.39
CA PRO A 155 3.06 16.89 15.48
C PRO A 155 2.74 16.16 14.18
N ASN A 156 2.08 15.04 14.35
CA ASN A 156 1.77 14.17 13.25
C ASN A 156 0.28 14.26 12.88
N SER A 157 0.04 14.86 11.70
CA SER A 157 -1.40 15.12 11.28
C SER A 157 -2.19 13.83 11.10
N GLN A 158 -1.45 12.72 10.89
CA GLN A 158 -2.13 11.45 10.63
C GLN A 158 -2.61 10.82 11.87
N LEU A 159 -2.26 11.37 13.03
CA LEU A 159 -2.89 10.90 14.28
C LEU A 159 -4.25 11.59 14.58
N GLN A 160 -4.65 12.64 13.83
CA GLN A 160 -5.84 13.41 14.15
C GLN A 160 -7.11 12.58 14.21
N LYS A 161 -7.27 11.67 13.27
CA LYS A 161 -8.55 10.95 13.31
C LYS A 161 -8.66 10.20 14.64
N ILE A 162 -7.54 9.64 15.09
CA ILE A 162 -7.55 8.97 16.42
C ILE A 162 -7.80 9.96 17.61
N THR A 163 -6.98 11.01 17.66
CA THR A 163 -7.01 11.87 18.85
C THR A 163 -8.35 12.57 19.00
N ASP A 164 -8.99 12.92 17.89
CA ASP A 164 -10.34 13.52 17.86
C ASP A 164 -11.38 12.64 18.54
N THR A 165 -11.12 11.32 18.67
CA THR A 165 -12.13 10.43 19.23
C THR A 165 -11.90 10.16 20.70
N LEU A 166 -10.78 10.61 21.28
CA LEU A 166 -10.45 10.18 22.61
C LEU A 166 -11.39 10.62 23.73
N ASP A 167 -11.96 11.81 23.60
CA ASP A 167 -12.91 12.23 24.68
C ASP A 167 -14.10 11.31 24.65
N SER A 168 -14.53 10.95 23.43
CA SER A 168 -15.69 10.05 23.31
C SER A 168 -15.46 8.64 23.85
N ILE A 169 -14.21 8.20 23.93
CA ILE A 169 -13.94 6.86 24.49
C ILE A 169 -13.13 6.95 25.78
N LYS A 170 -13.38 8.03 26.58
CA LYS A 170 -12.61 8.18 27.80
C LYS A 170 -12.66 7.04 28.78
N GLU A 171 -13.85 6.43 29.00
CA GLU A 171 -14.00 5.39 29.99
C GLU A 171 -13.83 4.05 29.32
N LYS A 172 -13.30 3.09 30.05
CA LYS A 172 -13.24 1.66 29.62
C LYS A 172 -14.63 1.20 29.12
N GLY A 173 -14.61 0.59 27.93
CA GLY A 173 -15.78 -0.08 27.33
C GLY A 173 -16.49 0.81 26.38
N LYS A 174 -16.21 2.12 26.36
CA LYS A 174 -16.77 2.97 25.39
C LYS A 174 -16.27 2.68 23.97
N GLN A 175 -17.12 2.89 23.01
CA GLN A 175 -16.78 2.70 21.60
C GLN A 175 -17.39 3.78 20.70
N THR A 176 -16.79 3.95 19.54
N THR A 176 -16.74 4.07 19.59
CA THR A 176 -17.39 4.85 18.57
CA THR A 176 -17.38 4.95 18.59
C THR A 176 -17.01 4.55 17.14
C THR A 176 -17.09 4.44 17.21
N ARG A 177 -17.89 4.88 16.23
CA ARG A 177 -17.71 4.52 14.87
C ARG A 177 -16.34 5.04 14.34
N PHE A 178 -15.67 4.21 13.57
CA PHE A 178 -14.34 4.68 13.11
C PHE A 178 -14.06 4.00 11.82
N THR A 179 -14.39 4.73 10.74
CA THR A 179 -14.06 4.18 9.42
C THR A 179 -13.41 5.21 8.52
N ASN A 180 -13.00 4.73 7.36
CA ASN A 180 -12.25 5.56 6.39
C ASN A 180 -10.96 6.05 7.06
N PHE A 181 -10.28 5.08 7.66
CA PHE A 181 -9.03 5.40 8.39
C PHE A 181 -7.83 5.08 7.47
N ASP A 182 -6.98 6.09 7.34
CA ASP A 182 -5.74 5.94 6.53
C ASP A 182 -4.57 5.45 7.40
N LEU A 183 -4.54 4.14 7.58
CA LEU A 183 -3.47 3.47 8.35
C LEU A 183 -2.12 3.52 7.63
N LEU A 184 -2.13 3.35 6.30
CA LEU A 184 -0.91 3.36 5.56
C LEU A 184 -0.08 4.55 5.81
N SER A 185 -0.72 5.75 5.94
CA SER A 185 -0.01 6.96 6.14
C SER A 185 0.58 7.12 7.53
N LEU A 186 0.27 6.21 8.45
CA LEU A 186 0.91 6.22 9.75
C LEU A 186 2.25 5.56 9.72
N LEU A 187 2.54 4.62 8.79
CA LEU A 187 3.80 4.03 8.60
C LEU A 187 4.86 5.01 8.07
N PRO A 188 6.13 4.76 8.50
CA PRO A 188 7.17 5.68 8.05
C PRO A 188 7.52 5.38 6.58
N PRO A 189 8.31 6.30 5.97
CA PRO A 189 8.56 6.11 4.53
C PRO A 189 9.34 4.84 4.26
N SER A 190 10.37 4.55 5.07
CA SER A 190 11.05 3.30 4.91
C SER A 190 10.41 2.16 5.70
N TRP A 191 10.30 0.99 5.10
CA TRP A 191 9.74 -0.16 5.81
C TRP A 191 10.78 -1.20 6.12
N ASP A 192 12.07 -0.79 6.22
CA ASP A 192 13.03 -1.75 6.65
C ASP A 192 12.71 -2.20 8.11
N TYR A 193 12.92 -3.45 8.38
CA TYR A 193 12.49 -4.05 9.67
C TYR A 193 13.41 -5.11 10.25
N TRP A 194 13.21 -5.42 11.55
CA TRP A 194 13.70 -6.57 12.16
C TRP A 194 12.55 -7.56 12.40
N THR A 195 12.88 -8.83 12.43
CA THR A 195 11.86 -9.84 12.69
C THR A 195 12.31 -10.95 13.57
N TYR A 196 11.43 -11.44 14.43
CA TYR A 196 11.77 -12.51 15.34
C TYR A 196 10.48 -13.18 15.85
N PRO A 197 10.57 -14.40 16.41
CA PRO A 197 9.38 -15.14 16.92
C PRO A 197 9.12 -14.72 18.36
N GLY A 198 7.91 -14.22 18.64
CA GLY A 198 7.60 -13.92 20.03
C GLY A 198 6.14 -14.05 20.35
N SER A 199 5.65 -13.10 21.13
CA SER A 199 4.34 -13.32 21.85
C SER A 199 3.49 -12.06 21.85
N LEU A 200 2.24 -12.22 22.27
CA LEU A 200 1.42 -11.01 22.61
C LEU A 200 2.19 -10.39 23.79
N THR A 201 2.14 -9.07 23.85
CA THR A 201 2.82 -8.35 25.00
C THR A 201 1.83 -8.04 26.10
N VAL A 202 0.61 -8.49 25.95
CA VAL A 202 -0.44 -8.39 27.01
C VAL A 202 -0.94 -9.77 27.31
N PRO A 203 -1.36 -10.04 28.58
CA PRO A 203 -2.14 -11.27 28.83
C PRO A 203 -3.18 -11.45 27.71
N PRO A 204 -3.28 -12.71 27.20
CA PRO A 204 -2.67 -13.91 27.76
C PRO A 204 -1.24 -14.29 27.33
N LEU A 205 -0.53 -13.38 26.64
CA LEU A 205 0.89 -13.54 26.43
C LEU A 205 1.22 -14.75 25.58
N LEU A 206 0.27 -15.09 24.66
CA LEU A 206 0.48 -16.34 23.85
C LEU A 206 1.68 -16.17 22.88
N GLU A 207 2.41 -17.29 22.70
CA GLU A 207 3.55 -17.27 21.84
C GLU A 207 3.20 -17.64 20.42
N SER A 208 2.47 -16.75 19.77
CA SER A 208 1.94 -16.99 18.44
C SER A 208 2.25 -15.89 17.49
N VAL A 209 3.22 -14.98 17.87
CA VAL A 209 3.41 -13.83 17.03
C VAL A 209 4.75 -13.78 16.26
N THR A 210 4.64 -13.55 14.95
CA THR A 210 5.83 -13.17 14.16
C THR A 210 5.87 -11.69 14.18
N TRP A 211 6.90 -11.22 14.92
CA TRP A 211 7.08 -9.71 15.04
C TRP A 211 7.82 -9.12 13.84
N ILE A 212 7.35 -8.00 13.39
CA ILE A 212 7.98 -7.22 12.32
C ILE A 212 8.08 -5.81 12.84
N VAL A 213 9.33 -5.43 13.28
CA VAL A 213 9.48 -4.17 13.96
C VAL A 213 10.21 -3.22 12.98
N LEU A 214 9.55 -2.10 12.63
CA LEU A 214 10.13 -1.22 11.57
C LEU A 214 11.24 -0.41 12.24
N LYS A 215 12.38 -0.27 11.55
CA LYS A 215 13.49 0.54 12.08
C LYS A 215 13.22 2.08 12.16
N GLN A 216 12.54 2.68 11.16
CA GLN A 216 12.33 4.11 11.12
C GLN A 216 11.17 4.55 11.99
N PRO A 217 11.33 5.44 12.95
CA PRO A 217 10.23 5.94 13.73
C PRO A 217 9.40 6.93 12.99
N ILE A 218 8.15 7.12 13.42
CA ILE A 218 7.34 8.28 13.01
C ILE A 218 7.28 9.29 14.11
N ASN A 219 6.82 10.53 13.82
CA ASN A 219 6.76 11.55 14.86
C ASN A 219 5.47 11.58 15.62
N ILE A 220 5.53 12.07 16.86
CA ILE A 220 4.35 12.48 17.59
C ILE A 220 4.80 13.69 18.43
N SER A 221 3.96 14.69 18.62
CA SER A 221 4.35 15.71 19.61
C SER A 221 4.04 15.33 21.06
N SER A 222 4.65 16.06 21.97
N SER A 222 4.62 16.05 22.01
CA SER A 222 4.33 15.87 23.37
CA SER A 222 4.28 15.81 23.43
C SER A 222 2.89 16.10 23.71
C SER A 222 2.83 16.11 23.76
N GLN A 223 2.26 17.17 23.16
CA GLN A 223 0.91 17.47 23.41
C GLN A 223 -0.03 16.35 22.88
N GLN A 224 0.34 15.78 21.74
CA GLN A 224 -0.52 14.68 21.19
C GLN A 224 -0.39 13.47 22.05
N LEU A 225 0.87 13.14 22.42
CA LEU A 225 1.01 11.93 23.25
C LEU A 225 0.28 12.05 24.58
N ALA A 226 0.34 13.21 25.26
CA ALA A 226 -0.34 13.38 26.49
C ALA A 226 -1.83 13.12 26.46
N LYS A 227 -2.47 13.36 25.31
CA LYS A 227 -3.89 13.02 25.22
C LYS A 227 -4.21 11.55 25.47
N PHE A 228 -3.32 10.67 25.03
CA PHE A 228 -3.59 9.24 25.28
C PHE A 228 -3.59 8.92 26.75
N ARG A 229 -2.74 9.63 27.52
CA ARG A 229 -2.69 9.33 28.95
C ARG A 229 -3.93 9.84 29.73
N SER A 230 -4.89 10.57 29.12
CA SER A 230 -6.15 10.99 29.75
C SER A 230 -7.23 9.90 29.59
N LEU A 231 -6.91 8.84 28.84
CA LEU A 231 -7.87 7.73 28.78
C LEU A 231 -7.91 7.12 30.15
N LEU A 232 -9.06 6.51 30.52
CA LEU A 232 -9.18 5.79 31.78
C LEU A 232 -9.05 4.31 31.64
N CYS A 233 -8.54 3.66 32.67
CA CYS A 233 -8.49 2.16 32.67
C CYS A 233 -9.70 1.65 33.45
N THR A 234 -10.52 2.60 33.89
CA THR A 234 -11.74 2.32 34.63
C THR A 234 -13.01 2.64 33.81
N ALA A 235 -14.10 1.94 34.15
CA ALA A 235 -15.37 2.11 33.51
C ALA A 235 -16.17 3.27 34.16
N GLU A 236 -17.07 3.89 33.41
CA GLU A 236 -18.07 4.82 33.96
C GLU A 236 -18.66 4.34 35.31
N GLY A 237 -18.72 5.25 36.29
CA GLY A 237 -19.36 4.97 37.59
C GLY A 237 -18.42 4.33 38.59
N GLU A 238 -17.15 4.23 38.21
CA GLU A 238 -16.12 3.53 38.96
C GLU A 238 -15.14 4.68 39.26
N ALA A 239 -14.46 4.67 40.42
CA ALA A 239 -13.48 5.73 40.75
C ALA A 239 -12.45 5.75 39.61
N ALA A 240 -12.23 6.93 39.04
CA ALA A 240 -11.34 7.07 37.90
C ALA A 240 -9.88 6.68 38.22
N ALA A 241 -9.25 5.99 37.25
CA ALA A 241 -7.84 5.82 37.30
C ALA A 241 -7.39 6.00 35.86
N PHE A 242 -6.23 6.63 35.65
CA PHE A 242 -5.78 6.99 34.31
C PHE A 242 -4.79 6.00 33.73
N LEU A 243 -4.88 5.79 32.39
CA LEU A 243 -3.97 4.89 31.71
C LEU A 243 -2.74 5.76 31.32
N VAL A 244 -1.90 6.08 32.30
CA VAL A 244 -0.73 6.87 31.98
C VAL A 244 0.42 6.10 31.41
N SER A 245 0.41 4.75 31.54
CA SER A 245 1.48 3.98 31.00
C SER A 245 0.86 2.60 30.72
N ASN A 246 1.30 2.01 29.61
CA ASN A 246 0.71 0.71 29.22
C ASN A 246 1.70 -0.08 28.40
N HIS A 247 2.99 -0.09 28.77
CA HIS A 247 4.04 -0.81 28.07
C HIS A 247 4.66 -1.89 28.92
N ARG A 248 4.89 -3.06 28.33
CA ARG A 248 5.59 -4.14 29.06
C ARG A 248 7.10 -3.97 28.81
N PRO A 249 7.95 -4.22 29.84
CA PRO A 249 9.41 -4.19 29.58
C PRO A 249 9.88 -5.35 28.70
N PRO A 250 10.98 -5.20 28.00
CA PRO A 250 11.54 -6.27 27.18
C PRO A 250 11.82 -7.47 28.06
N GLN A 251 11.65 -8.64 27.47
CA GLN A 251 11.94 -9.94 28.10
C GLN A 251 13.18 -10.49 27.40
N PRO A 252 13.84 -11.48 28.06
CA PRO A 252 15.09 -12.03 27.53
C PRO A 252 14.85 -12.84 26.27
N LEU A 253 15.80 -12.75 25.34
N LEU A 253 15.81 -12.79 25.35
CA LEU A 253 15.76 -13.50 24.07
CA LEU A 253 15.80 -13.55 24.10
C LEU A 253 15.82 -15.00 24.23
C LEU A 253 15.75 -15.03 24.31
N LYS A 254 16.49 -15.48 25.30
CA LYS A 254 16.54 -16.89 25.62
C LYS A 254 16.90 -17.74 24.42
N GLY A 255 17.86 -17.30 23.59
CA GLY A 255 18.36 -18.16 22.50
C GLY A 255 17.85 -17.78 21.14
N ARG A 256 16.74 -16.99 21.09
CA ARG A 256 16.27 -16.57 19.78
C ARG A 256 17.15 -15.57 19.03
N LYS A 257 17.15 -15.63 17.72
CA LYS A 257 17.92 -14.66 17.01
C LYS A 257 16.97 -13.69 16.22
N VAL A 258 17.39 -12.46 16.11
CA VAL A 258 16.65 -11.45 15.41
C VAL A 258 17.24 -11.30 14.00
N ARG A 259 16.42 -11.35 12.96
CA ARG A 259 16.84 -11.09 11.55
C ARG A 259 16.57 -9.70 11.05
N ALA A 260 17.32 -9.19 10.08
CA ALA A 260 17.05 -7.86 9.54
C ALA A 260 16.72 -7.99 8.07
N SER A 261 15.84 -7.09 7.56
CA SER A 261 15.40 -7.07 6.19
C SER A 261 16.39 -6.29 5.31
N PHE A 262 17.42 -5.70 5.92
CA PHE A 262 18.19 -4.63 5.27
C PHE A 262 19.66 -4.82 5.67
N HIS A 263 20.59 -4.41 4.80
CA HIS A 263 22.02 -4.49 5.20
C HIS A 263 22.78 -3.28 4.82
N SER B 6 -3.64 15.84 -34.02
CA SER B 6 -4.05 15.02 -35.21
C SER B 6 -3.35 13.64 -35.36
N TRP B 7 -2.43 13.33 -34.45
CA TRP B 7 -1.82 11.97 -34.32
C TRP B 7 -2.77 10.82 -33.95
N GLY B 8 -2.35 9.59 -34.19
CA GLY B 8 -3.16 8.41 -33.85
C GLY B 8 -2.36 7.16 -33.96
N TYR B 9 -3.02 6.08 -34.39
CA TYR B 9 -2.37 4.79 -34.45
C TYR B 9 -2.67 4.18 -35.82
N ARG B 10 -3.19 5.01 -36.70
CA ARG B 10 -3.48 4.54 -38.09
C ARG B 10 -2.21 4.58 -38.87
N GLU B 11 -2.27 4.08 -40.10
CA GLU B 11 -1.10 3.97 -40.97
C GLU B 11 -0.33 5.31 -41.18
N HIS B 12 -1.08 6.36 -41.40
CA HIS B 12 -0.58 7.69 -41.74
C HIS B 12 -0.26 8.58 -40.58
N ASN B 13 -0.81 8.29 -39.40
CA ASN B 13 -0.63 9.22 -38.30
C ASN B 13 -0.07 8.47 -37.07
N GLY B 14 0.36 7.23 -37.30
CA GLY B 14 0.70 6.30 -36.23
C GLY B 14 2.10 6.45 -35.67
N PRO B 15 2.45 5.65 -34.65
CA PRO B 15 3.77 5.80 -33.97
C PRO B 15 5.04 6.08 -34.79
N ILE B 16 5.14 5.44 -35.95
CA ILE B 16 6.26 5.58 -36.80
C ILE B 16 6.40 7.05 -37.30
N HIS B 17 5.29 7.78 -37.37
CA HIS B 17 5.30 9.15 -37.85
C HIS B 17 5.25 10.18 -36.74
N TRP B 18 5.28 9.76 -35.47
CA TRP B 18 5.20 10.82 -34.48
C TRP B 18 6.48 11.64 -34.44
N LYS B 19 7.62 11.03 -34.76
CA LYS B 19 8.96 11.73 -34.77
C LYS B 19 8.97 12.92 -35.74
N GLU B 20 8.14 12.85 -36.77
CA GLU B 20 8.00 13.97 -37.72
C GLU B 20 7.45 15.21 -37.04
N PHE B 21 6.56 15.02 -36.06
CA PHE B 21 5.77 16.11 -35.42
C PHE B 21 5.97 16.41 -33.90
N PHE B 22 6.54 15.43 -33.20
CA PHE B 22 7.09 15.62 -31.86
C PHE B 22 8.47 15.03 -31.89
N PRO B 23 9.43 15.88 -32.16
CA PRO B 23 10.80 15.42 -32.30
C PRO B 23 11.39 14.61 -31.12
N ILE B 24 10.87 14.89 -29.91
CA ILE B 24 11.36 14.16 -28.71
C ILE B 24 10.97 12.65 -28.81
N ALA B 25 10.13 12.33 -29.79
CA ALA B 25 9.83 10.92 -30.11
C ALA B 25 11.08 10.13 -30.28
N ASP B 26 12.15 10.80 -30.74
CA ASP B 26 13.44 10.24 -30.90
C ASP B 26 14.41 10.59 -29.81
N GLY B 27 13.87 11.11 -28.69
CA GLY B 27 14.68 11.33 -27.49
C GLY B 27 15.39 10.17 -26.83
N ASP B 28 16.15 10.48 -25.77
CA ASP B 28 16.93 9.50 -25.11
C ASP B 28 16.23 8.77 -23.92
N GLN B 29 15.03 9.22 -23.53
CA GLN B 29 14.39 8.53 -22.41
C GLN B 29 12.93 8.25 -22.79
N GLN B 30 12.75 7.64 -23.98
CA GLN B 30 11.36 7.30 -24.48
C GLN B 30 10.90 5.94 -23.94
N SER B 31 9.58 5.88 -23.84
CA SER B 31 8.84 4.65 -23.42
C SER B 31 7.83 4.24 -24.45
N PRO B 32 7.43 2.96 -24.41
CA PRO B 32 7.81 1.86 -23.57
C PRO B 32 9.08 1.24 -24.08
N ILE B 33 9.45 0.23 -23.34
CA ILE B 33 10.74 -0.48 -23.61
C ILE B 33 10.54 -1.95 -23.49
N GLU B 34 11.50 -2.70 -24.05
N GLU B 34 11.56 -2.66 -23.99
CA GLU B 34 11.64 -4.12 -23.70
CA GLU B 34 11.78 -4.07 -23.73
C GLU B 34 12.27 -4.21 -22.36
C GLU B 34 12.39 -4.31 -22.35
N ILE B 35 11.68 -5.05 -21.52
CA ILE B 35 12.28 -5.38 -20.21
C ILE B 35 12.92 -6.73 -20.35
N LYS B 36 14.27 -6.77 -20.25
CA LYS B 36 15.03 -8.03 -20.33
C LYS B 36 15.48 -8.42 -18.90
N THR B 37 14.81 -9.41 -18.38
CA THR B 37 14.89 -9.69 -16.95
C THR B 37 16.26 -10.07 -16.43
N LYS B 38 17.15 -10.63 -17.29
CA LYS B 38 18.51 -10.97 -16.94
C LYS B 38 19.40 -9.76 -16.98
N GLU B 39 18.90 -8.67 -17.56
CA GLU B 39 19.65 -7.45 -17.59
C GLU B 39 19.29 -6.42 -16.54
N VAL B 40 18.19 -6.66 -15.81
CA VAL B 40 17.74 -5.62 -14.92
C VAL B 40 18.64 -5.69 -13.69
N LYS B 41 18.80 -4.56 -13.01
CA LYS B 41 19.56 -4.54 -11.77
C LYS B 41 18.64 -4.54 -10.55
N TYR B 42 18.79 -5.59 -9.72
CA TYR B 42 18.12 -5.62 -8.44
C TYR B 42 18.72 -4.49 -7.61
N ASP B 43 17.87 -3.69 -6.99
CA ASP B 43 18.27 -2.53 -6.24
C ASP B 43 17.66 -2.57 -4.85
N SER B 44 18.45 -2.91 -3.84
CA SER B 44 17.89 -3.08 -2.47
C SER B 44 17.48 -1.72 -1.85
N SER B 45 17.84 -0.60 -2.47
CA SER B 45 17.39 0.70 -2.01
C SER B 45 15.94 1.05 -2.41
N LEU B 46 15.37 0.27 -3.36
CA LEU B 46 13.96 0.51 -3.85
C LEU B 46 13.06 0.09 -2.73
N ARG B 47 11.92 0.71 -2.65
CA ARG B 47 10.99 0.40 -1.57
C ARG B 47 9.77 -0.30 -2.10
N PRO B 48 9.03 -1.04 -1.24
CA PRO B 48 7.71 -1.53 -1.72
C PRO B 48 6.80 -0.34 -2.09
N LEU B 49 5.81 -0.58 -2.94
CA LEU B 49 4.87 0.53 -3.27
C LEU B 49 3.96 0.78 -2.04
N SER B 50 3.69 2.05 -1.80
CA SER B 50 2.71 2.46 -0.74
C SER B 50 1.52 3.05 -1.50
N ILE B 51 0.41 2.28 -1.53
CA ILE B 51 -0.69 2.68 -2.43
C ILE B 51 -1.98 2.99 -1.69
N LYS B 52 -2.56 4.17 -1.94
CA LYS B 52 -3.83 4.52 -1.37
C LYS B 52 -4.73 5.06 -2.42
N TYR B 53 -5.80 4.33 -2.76
CA TYR B 53 -6.68 4.80 -3.86
C TYR B 53 -8.11 4.76 -3.29
N ASP B 54 -8.78 5.93 -3.26
CA ASP B 54 -10.13 6.07 -2.67
C ASP B 54 -11.13 5.80 -3.82
N PRO B 55 -11.96 4.72 -3.71
CA PRO B 55 -12.93 4.39 -4.82
C PRO B 55 -13.82 5.58 -5.22
N SER B 56 -14.01 6.51 -4.32
CA SER B 56 -14.85 7.70 -4.61
C SER B 56 -14.14 8.81 -5.39
N SER B 57 -12.82 8.68 -5.59
CA SER B 57 -12.03 9.65 -6.35
C SER B 57 -12.38 9.57 -7.83
N ALA B 58 -12.80 8.38 -8.35
CA ALA B 58 -13.08 8.26 -9.79
C ALA B 58 -14.37 9.04 -10.01
N LYS B 59 -14.37 9.82 -11.09
CA LYS B 59 -15.56 10.67 -11.32
C LYS B 59 -16.16 10.55 -12.73
N ILE B 60 -15.34 10.40 -13.76
CA ILE B 60 -15.86 10.46 -15.13
C ILE B 60 -15.05 9.50 -15.96
N ILE B 61 -15.68 8.90 -16.97
CA ILE B 61 -14.99 8.10 -17.98
C ILE B 61 -15.24 8.73 -19.35
N SER B 62 -14.19 8.83 -20.15
CA SER B 62 -14.40 9.51 -21.46
C SER B 62 -13.66 8.81 -22.56
N ASN B 63 -14.13 8.98 -23.80
CA ASN B 63 -13.35 8.51 -24.93
C ASN B 63 -12.51 9.63 -25.46
N SER B 64 -11.21 9.53 -25.32
CA SER B 64 -10.28 10.53 -25.91
C SER B 64 -10.03 10.46 -27.42
N GLY B 65 -10.50 9.40 -28.05
CA GLY B 65 -10.08 9.10 -29.43
C GLY B 65 -8.89 8.15 -29.43
N HIS B 66 -8.13 8.12 -28.32
CA HIS B 66 -6.87 7.31 -28.18
C HIS B 66 -6.91 6.15 -27.19
N SER B 67 -7.91 6.20 -26.27
CA SER B 67 -8.20 5.17 -25.25
C SER B 67 -9.43 5.64 -24.56
N PHE B 68 -9.89 4.92 -23.51
CA PHE B 68 -10.84 5.61 -22.57
C PHE B 68 -9.92 6.20 -21.46
N ASN B 69 -10.40 7.25 -20.79
CA ASN B 69 -9.74 7.77 -19.61
C ASN B 69 -10.73 7.84 -18.50
N VAL B 70 -10.37 7.24 -17.34
CA VAL B 70 -11.10 7.43 -16.14
C VAL B 70 -10.39 8.58 -15.44
N ASP B 71 -11.12 9.67 -15.24
CA ASP B 71 -10.54 10.88 -14.59
C ASP B 71 -10.93 10.85 -13.11
N PHE B 72 -9.95 11.18 -12.29
CA PHE B 72 -10.09 11.23 -10.80
C PHE B 72 -10.05 12.67 -10.37
N ASP B 73 -10.71 12.93 -9.29
CA ASP B 73 -10.66 14.27 -8.67
C ASP B 73 -9.32 14.33 -7.98
N ASP B 74 -8.46 15.13 -8.53
CA ASP B 74 -7.10 15.31 -7.96
C ASP B 74 -6.97 16.70 -7.28
N THR B 75 -8.10 17.18 -6.78
CA THR B 75 -8.19 18.44 -5.93
C THR B 75 -7.35 18.29 -4.69
N GLU B 76 -7.38 17.16 -4.01
CA GLU B 76 -6.43 16.98 -2.88
C GLU B 76 -5.83 15.59 -2.83
N ASN B 77 -5.22 15.22 -1.70
CA ASN B 77 -4.43 13.99 -1.60
C ASN B 77 -5.19 12.85 -1.01
N LYS B 78 -6.40 12.58 -1.50
CA LYS B 78 -7.15 11.34 -1.11
C LYS B 78 -6.52 10.05 -1.71
N SER B 79 -6.01 10.14 -2.93
CA SER B 79 -5.51 8.94 -3.63
C SER B 79 -4.07 9.30 -4.07
N VAL B 80 -3.09 8.58 -3.47
CA VAL B 80 -1.67 8.86 -3.71
C VAL B 80 -0.88 7.59 -3.81
N LEU B 81 0.26 7.72 -4.54
CA LEU B 81 1.25 6.66 -4.60
C LEU B 81 2.52 7.18 -4.03
N ARG B 82 3.07 6.38 -3.12
CA ARG B 82 4.42 6.70 -2.47
C ARG B 82 5.26 5.46 -2.45
N GLY B 83 6.52 5.60 -2.00
CA GLY B 83 7.39 4.43 -2.01
C GLY B 83 7.89 4.06 -3.38
N GLY B 84 8.13 2.75 -3.57
CA GLY B 84 8.74 2.30 -4.91
C GLY B 84 10.04 3.12 -5.04
N PRO B 85 10.36 3.60 -6.27
CA PRO B 85 11.53 4.49 -6.49
C PRO B 85 11.30 5.97 -6.20
N LEU B 86 10.09 6.32 -5.71
CA LEU B 86 9.66 7.72 -5.67
C LEU B 86 10.11 8.48 -4.39
N THR B 87 10.49 9.73 -4.63
CA THR B 87 10.65 10.70 -3.49
C THR B 87 9.36 11.48 -3.39
N GLY B 88 8.74 11.45 -2.20
CA GLY B 88 7.52 12.28 -2.01
C GLY B 88 6.24 11.59 -2.54
N SER B 89 5.16 12.35 -2.64
CA SER B 89 3.81 11.81 -2.83
C SER B 89 3.29 12.19 -4.22
N TYR B 90 2.80 11.17 -4.95
CA TYR B 90 2.35 11.38 -6.31
C TYR B 90 0.84 11.14 -6.35
N ARG B 91 0.09 12.18 -6.73
CA ARG B 91 -1.35 12.19 -6.71
C ARG B 91 -1.97 11.50 -7.93
N LEU B 92 -2.94 10.63 -7.66
CA LEU B 92 -3.70 10.01 -8.78
C LEU B 92 -4.48 10.95 -9.65
N ARG B 93 -4.30 10.84 -10.97
CA ARG B 93 -4.98 11.68 -11.92
C ARG B 93 -5.89 10.93 -12.88
N GLN B 94 -5.42 9.83 -13.46
CA GLN B 94 -6.19 9.30 -14.60
C GLN B 94 -5.76 7.85 -14.74
N VAL B 95 -6.66 7.04 -15.31
CA VAL B 95 -6.31 5.63 -15.64
C VAL B 95 -6.75 5.45 -17.13
N HIS B 96 -5.97 4.69 -17.86
CA HIS B 96 -6.39 4.32 -19.24
C HIS B 96 -5.76 3.00 -19.60
N LEU B 97 -6.02 2.49 -20.82
CA LEU B 97 -5.65 1.15 -21.22
C LEU B 97 -5.04 1.19 -22.62
N HIS B 98 -4.07 0.33 -22.89
CA HIS B 98 -3.60 0.12 -24.25
C HIS B 98 -3.85 -1.36 -24.64
N TRP B 99 -4.16 -1.62 -25.93
CA TRP B 99 -4.41 -3.00 -26.37
C TRP B 99 -3.94 -3.01 -27.84
N GLY B 100 -4.18 -4.18 -28.44
CA GLY B 100 -3.78 -4.44 -29.82
C GLY B 100 -4.99 -5.08 -30.53
N SER B 101 -4.85 -5.29 -31.85
CA SER B 101 -6.00 -5.96 -32.56
C SER B 101 -6.11 -7.43 -32.24
N ALA B 102 -5.08 -8.01 -31.68
CA ALA B 102 -5.08 -9.38 -31.30
C ALA B 102 -4.70 -9.56 -29.86
N ASP B 103 -5.25 -10.57 -29.23
CA ASP B 103 -4.87 -10.88 -27.80
C ASP B 103 -3.39 -11.18 -27.68
N ASP B 104 -2.78 -11.62 -28.81
CA ASP B 104 -1.39 -11.97 -28.90
C ASP B 104 -0.40 -10.87 -28.53
N HIS B 105 -0.83 -9.60 -28.70
CA HIS B 105 0.16 -8.55 -28.83
C HIS B 105 -0.51 -7.22 -28.59
N GLY B 106 -0.71 -6.86 -27.32
CA GLY B 106 -1.43 -5.65 -27.00
C GLY B 106 -0.74 -4.66 -26.03
N SER B 107 0.21 -5.14 -25.27
CA SER B 107 0.85 -4.31 -24.23
C SER B 107 1.88 -3.40 -24.88
N GLU B 108 2.27 -2.37 -24.10
CA GLU B 108 3.37 -1.45 -24.53
C GLU B 108 4.72 -1.95 -24.06
N HIS B 109 4.94 -2.15 -22.78
CA HIS B 109 6.12 -2.85 -22.31
C HIS B 109 6.05 -4.32 -22.67
N ILE B 110 7.22 -4.93 -22.94
CA ILE B 110 7.36 -6.32 -23.41
C ILE B 110 8.39 -6.93 -22.46
N VAL B 111 8.14 -8.15 -21.97
CA VAL B 111 8.98 -8.71 -20.95
C VAL B 111 9.63 -9.99 -21.54
N ASP B 112 10.92 -9.90 -21.84
CA ASP B 112 11.62 -11.00 -22.53
C ASP B 112 10.83 -11.48 -23.72
N GLY B 113 10.39 -10.52 -24.53
CA GLY B 113 9.70 -10.87 -25.76
C GLY B 113 8.23 -11.16 -25.62
N VAL B 114 7.72 -11.25 -24.38
CA VAL B 114 6.29 -11.50 -24.19
C VAL B 114 5.53 -10.16 -24.21
N SER B 115 4.67 -10.00 -25.20
N SER B 115 4.64 -9.98 -25.18
CA SER B 115 3.63 -9.02 -25.12
CA SER B 115 3.65 -8.88 -25.22
C SER B 115 2.47 -9.63 -24.35
C SER B 115 2.29 -9.38 -24.72
N TYR B 116 1.76 -8.76 -23.62
CA TYR B 116 0.55 -9.20 -22.99
C TYR B 116 -0.65 -8.74 -23.76
N ALA B 117 -1.87 -9.14 -23.34
CA ALA B 117 -3.05 -8.78 -24.11
C ALA B 117 -3.38 -7.27 -24.05
N ALA B 118 -3.00 -6.65 -22.92
CA ALA B 118 -3.30 -5.21 -22.84
C ALA B 118 -2.45 -4.70 -21.66
N GLU B 119 -2.47 -3.36 -21.49
CA GLU B 119 -1.63 -2.83 -20.38
C GLU B 119 -2.41 -1.60 -19.85
N LEU B 120 -2.60 -1.61 -18.55
CA LEU B 120 -3.33 -0.52 -17.88
C LEU B 120 -2.24 0.47 -17.31
N HIS B 121 -2.52 1.74 -17.48
CA HIS B 121 -1.66 2.82 -16.92
C HIS B 121 -2.40 3.64 -15.96
N VAL B 122 -1.77 3.82 -14.79
CA VAL B 122 -2.34 4.66 -13.73
C VAL B 122 -1.37 5.86 -13.59
N VAL B 123 -1.91 7.04 -13.86
CA VAL B 123 -1.02 8.24 -14.01
C VAL B 123 -1.11 9.13 -12.76
N HIS B 124 0.08 9.53 -12.22
CA HIS B 124 0.09 10.31 -10.95
C HIS B 124 1.07 11.44 -11.19
N TRP B 125 0.92 12.50 -10.36
CA TRP B 125 1.83 13.65 -10.48
C TRP B 125 2.30 14.12 -9.09
N ASN B 126 3.53 14.63 -9.11
CA ASN B 126 4.23 15.04 -7.85
C ASN B 126 3.69 16.37 -7.33
N SER B 127 2.76 16.27 -6.41
CA SER B 127 2.10 17.48 -5.84
C SER B 127 2.98 18.03 -4.71
N ASP B 128 4.00 17.27 -4.24
CA ASP B 128 4.88 17.73 -3.19
C ASP B 128 5.84 18.79 -3.76
N LYS B 129 6.09 18.80 -5.06
CA LYS B 129 6.98 19.77 -5.69
C LYS B 129 6.31 20.70 -6.69
N TYR B 130 5.17 20.28 -7.29
CA TYR B 130 4.57 20.99 -8.39
C TYR B 130 3.13 21.31 -8.07
N PRO B 131 2.61 22.46 -8.60
CA PRO B 131 1.28 22.91 -8.20
C PRO B 131 0.15 22.26 -8.96
N SER B 132 0.49 21.60 -10.09
CA SER B 132 -0.58 21.05 -10.93
C SER B 132 0.04 19.96 -11.79
N PHE B 133 -0.84 19.08 -12.27
CA PHE B 133 -0.41 18.06 -13.26
C PHE B 133 0.31 18.66 -14.44
N VAL B 134 -0.23 19.76 -15.01
CA VAL B 134 0.35 20.39 -16.20
C VAL B 134 1.80 20.79 -15.95
N GLU B 135 2.11 21.39 -14.79
CA GLU B 135 3.48 21.73 -14.49
C GLU B 135 4.37 20.50 -14.25
N ALA B 136 3.80 19.52 -13.54
CA ALA B 136 4.58 18.30 -13.22
C ALA B 136 4.98 17.55 -14.51
N ALA B 137 4.11 17.63 -15.50
CA ALA B 137 4.31 16.82 -16.71
C ALA B 137 5.51 17.29 -17.53
N HIS B 138 6.04 18.49 -17.18
CA HIS B 138 7.24 19.02 -17.87
C HIS B 138 8.54 18.94 -17.10
N GLU B 139 8.59 18.13 -16.04
CA GLU B 139 9.76 17.94 -15.24
C GLU B 139 10.17 16.51 -15.13
N PRO B 140 11.46 16.19 -15.06
CA PRO B 140 11.86 14.79 -15.01
C PRO B 140 11.29 14.02 -13.85
N ASP B 141 11.06 14.65 -12.70
CA ASP B 141 10.54 13.93 -11.56
C ASP B 141 9.04 14.26 -11.36
N GLY B 142 8.37 14.71 -12.41
CA GLY B 142 6.98 15.19 -12.26
C GLY B 142 5.90 14.10 -12.21
N LEU B 143 6.12 13.07 -13.01
CA LEU B 143 5.01 12.12 -13.16
C LEU B 143 5.47 10.70 -12.76
N ALA B 144 4.49 9.89 -12.29
CA ALA B 144 4.79 8.48 -11.98
C ALA B 144 3.67 7.69 -12.61
N VAL B 145 4.02 6.69 -13.44
CA VAL B 145 2.94 5.83 -14.05
C VAL B 145 3.15 4.42 -13.63
N LEU B 146 2.08 3.81 -13.11
CA LEU B 146 2.11 2.40 -12.71
C LEU B 146 1.55 1.63 -13.90
N GLY B 147 2.29 0.64 -14.37
CA GLY B 147 1.80 -0.12 -15.54
C GLY B 147 1.43 -1.52 -15.02
N VAL B 148 0.23 -2.04 -15.46
CA VAL B 148 -0.23 -3.39 -15.01
C VAL B 148 -0.56 -4.11 -16.30
N PHE B 149 0.02 -5.30 -16.52
CA PHE B 149 -0.31 -6.10 -17.67
C PHE B 149 -1.62 -6.83 -17.46
N LEU B 150 -2.33 -7.01 -18.54
CA LEU B 150 -3.57 -7.84 -18.59
C LEU B 150 -3.29 -9.06 -19.47
N GLN B 151 -3.67 -10.24 -18.97
CA GLN B 151 -3.59 -11.49 -19.75
C GLN B 151 -5.01 -12.00 -19.89
N ILE B 152 -5.27 -12.78 -20.96
CA ILE B 152 -6.62 -13.35 -21.11
C ILE B 152 -6.82 -14.47 -20.07
N GLY B 153 -7.94 -14.38 -19.37
CA GLY B 153 -8.35 -15.45 -18.44
C GLY B 153 -9.78 -15.22 -18.05
N GLU B 154 -10.09 -15.40 -16.78
N GLU B 154 -10.03 -15.39 -16.74
CA GLU B 154 -11.49 -15.27 -16.40
CA GLU B 154 -11.36 -15.13 -16.09
C GLU B 154 -11.84 -13.80 -16.37
C GLU B 154 -11.82 -13.71 -16.44
N PRO B 155 -13.12 -13.49 -16.63
CA PRO B 155 -13.61 -12.12 -16.69
C PRO B 155 -13.26 -11.41 -15.36
N ASN B 156 -13.01 -10.11 -15.47
CA ASN B 156 -12.60 -9.35 -14.31
C ASN B 156 -13.78 -8.52 -13.88
N SER B 157 -14.28 -8.79 -12.64
CA SER B 157 -15.51 -8.09 -12.22
C SER B 157 -15.39 -6.58 -12.14
N GLN B 158 -14.20 -6.11 -11.81
N GLN B 158 -14.20 -6.07 -11.80
CA GLN B 158 -13.96 -4.67 -11.72
CA GLN B 158 -14.05 -4.58 -11.73
C GLN B 158 -13.96 -4.03 -13.08
C GLN B 158 -13.82 -3.93 -13.09
N LEU B 159 -13.30 -4.69 -14.05
CA LEU B 159 -13.28 -4.18 -15.41
C LEU B 159 -14.61 -4.21 -16.11
N GLN B 160 -15.48 -5.12 -15.69
CA GLN B 160 -16.88 -5.15 -16.24
C GLN B 160 -17.57 -3.80 -15.97
N LYS B 161 -17.27 -3.17 -14.85
CA LYS B 161 -17.82 -1.86 -14.64
C LYS B 161 -17.42 -0.81 -15.74
N ILE B 162 -16.16 -0.88 -16.21
CA ILE B 162 -15.74 -0.06 -17.35
C ILE B 162 -16.39 -0.53 -18.64
N THR B 163 -16.36 -1.84 -18.93
CA THR B 163 -16.95 -2.33 -20.21
C THR B 163 -18.42 -1.94 -20.32
N ASP B 164 -19.16 -1.98 -19.21
CA ASP B 164 -20.59 -1.55 -19.22
C ASP B 164 -20.82 -0.11 -19.66
N THR B 165 -19.82 0.78 -19.56
CA THR B 165 -20.00 2.15 -19.88
C THR B 165 -19.69 2.40 -21.37
N LEU B 166 -19.07 1.44 -22.05
CA LEU B 166 -18.43 1.82 -23.31
C LEU B 166 -19.43 2.16 -24.40
N ASP B 167 -20.59 1.49 -24.35
CA ASP B 167 -21.61 1.84 -25.37
C ASP B 167 -21.97 3.30 -25.28
N SER B 168 -21.93 3.89 -24.07
CA SER B 168 -22.27 5.29 -23.91
C SER B 168 -21.18 6.32 -24.28
N ILE B 169 -19.96 5.84 -24.51
CA ILE B 169 -18.85 6.67 -24.95
C ILE B 169 -18.18 6.17 -26.24
N LYS B 170 -18.98 5.60 -27.16
CA LYS B 170 -18.38 5.11 -28.41
C LYS B 170 -17.65 6.18 -29.21
N GLU B 171 -18.22 7.36 -29.38
CA GLU B 171 -17.62 8.41 -30.17
C GLU B 171 -16.61 9.19 -29.46
N LYS B 172 -15.60 9.62 -30.20
CA LYS B 172 -14.57 10.51 -29.66
C LYS B 172 -15.17 11.72 -28.99
N GLY B 173 -14.68 11.97 -27.78
CA GLY B 173 -15.18 13.10 -27.03
C GLY B 173 -16.35 12.85 -26.10
N LYS B 174 -17.03 11.74 -26.18
CA LYS B 174 -18.11 11.54 -25.23
C LYS B 174 -17.59 11.18 -23.84
N GLN B 175 -18.44 11.49 -22.85
CA GLN B 175 -18.17 11.22 -21.45
C GLN B 175 -19.40 10.81 -20.71
N THR B 176 -19.15 10.13 -19.60
CA THR B 176 -20.19 9.75 -18.71
C THR B 176 -19.71 9.58 -17.27
N ARG B 177 -20.64 9.64 -16.31
CA ARG B 177 -20.21 9.60 -14.91
C ARG B 177 -19.80 8.25 -14.57
N PHE B 178 -18.79 8.14 -13.72
CA PHE B 178 -18.24 6.84 -13.39
C PHE B 178 -17.54 6.99 -12.04
N THR B 179 -18.06 6.29 -11.03
CA THR B 179 -17.44 6.42 -9.68
C THR B 179 -17.52 5.11 -8.94
N ASN B 180 -17.11 5.06 -7.67
N ASN B 180 -17.02 5.21 -7.71
CA ASN B 180 -16.97 3.73 -7.01
CA ASN B 180 -16.85 4.09 -6.81
C ASN B 180 -16.11 2.74 -7.74
C ASN B 180 -16.13 2.91 -7.54
N PHE B 181 -14.89 3.16 -8.05
CA PHE B 181 -14.01 2.22 -8.77
C PHE B 181 -12.85 1.83 -7.86
N ASP B 182 -12.82 0.54 -7.50
CA ASP B 182 -11.89 0.17 -6.40
C ASP B 182 -10.58 -0.22 -7.09
N LEU B 183 -9.79 0.80 -7.45
CA LEU B 183 -8.61 0.59 -8.22
C LEU B 183 -7.60 -0.25 -7.41
N LEU B 184 -7.61 -0.08 -6.06
CA LEU B 184 -6.65 -0.84 -5.28
C LEU B 184 -6.90 -2.32 -5.41
N SER B 185 -8.16 -2.72 -5.37
N SER B 185 -8.16 -2.74 -5.35
CA SER B 185 -8.46 -4.17 -5.49
CA SER B 185 -8.45 -4.18 -5.48
C SER B 185 -8.31 -4.72 -6.88
C SER B 185 -8.17 -4.73 -6.84
N LEU B 186 -8.13 -3.86 -7.85
CA LEU B 186 -7.88 -4.33 -9.22
C LEU B 186 -6.42 -4.75 -9.37
N LEU B 187 -5.51 -4.20 -8.56
CA LEU B 187 -4.11 -4.63 -8.71
C LEU B 187 -3.79 -6.10 -8.40
N PRO B 188 -2.74 -6.68 -9.02
CA PRO B 188 -2.46 -8.10 -8.85
C PRO B 188 -2.00 -8.38 -7.41
N PRO B 189 -2.02 -9.67 -7.02
CA PRO B 189 -1.55 -10.02 -5.66
C PRO B 189 -0.13 -9.48 -5.33
N SER B 190 0.81 -9.61 -6.30
CA SER B 190 2.16 -9.22 -6.03
C SER B 190 2.42 -7.84 -6.62
N TRP B 191 3.07 -6.93 -5.86
CA TRP B 191 3.48 -5.66 -6.39
C TRP B 191 4.96 -5.55 -6.61
N ASP B 192 5.64 -6.68 -6.84
CA ASP B 192 7.03 -6.61 -7.29
C ASP B 192 7.07 -5.93 -8.71
N TYR B 193 8.08 -5.05 -8.92
CA TYR B 193 8.04 -4.17 -10.07
C TYR B 193 9.44 -3.92 -10.63
N TRP B 194 9.44 -3.49 -11.88
CA TRP B 194 10.62 -2.92 -12.50
C TRP B 194 10.42 -1.42 -12.61
N THR B 195 11.53 -0.65 -12.63
CA THR B 195 11.40 0.77 -12.80
C THR B 195 12.52 1.37 -13.63
N TYR B 196 12.20 2.41 -14.35
CA TYR B 196 13.20 3.14 -15.15
C TYR B 196 12.65 4.50 -15.47
N PRO B 197 13.56 5.46 -15.80
CA PRO B 197 13.10 6.74 -16.21
C PRO B 197 12.69 6.80 -17.70
N GLY B 198 11.53 7.37 -17.97
CA GLY B 198 10.99 7.43 -19.35
C GLY B 198 10.05 8.51 -19.62
N SER B 199 9.11 8.20 -20.51
CA SER B 199 8.32 9.25 -21.10
C SER B 199 6.82 8.89 -21.13
N LEU B 200 6.01 9.86 -21.45
CA LEU B 200 4.63 9.55 -21.90
C LEU B 200 4.80 8.65 -23.16
N THR B 201 3.88 7.69 -23.32
CA THR B 201 3.92 6.86 -24.55
C THR B 201 2.98 7.40 -25.60
N VAL B 202 2.39 8.58 -25.39
CA VAL B 202 1.55 9.23 -26.37
C VAL B 202 2.12 10.65 -26.56
N PRO B 203 1.96 11.25 -27.72
CA PRO B 203 2.23 12.65 -27.83
C PRO B 203 1.53 13.43 -26.66
N PRO B 204 2.27 14.43 -26.08
CA PRO B 204 3.52 15.06 -26.52
C PRO B 204 4.82 14.35 -26.14
N LEU B 205 4.73 13.07 -25.61
CA LEU B 205 5.93 12.23 -25.42
C LEU B 205 6.99 12.79 -24.47
N LEU B 206 6.49 13.58 -23.52
CA LEU B 206 7.40 14.34 -22.59
C LEU B 206 8.15 13.37 -21.67
N GLU B 207 9.42 13.61 -21.39
CA GLU B 207 10.31 12.72 -20.67
C GLU B 207 10.28 13.07 -19.17
N SER B 208 9.12 12.85 -18.57
CA SER B 208 8.81 13.31 -17.21
C SER B 208 8.27 12.14 -16.42
N VAL B 209 8.45 10.90 -16.88
CA VAL B 209 7.70 9.84 -16.17
C VAL B 209 8.67 8.86 -15.51
N THR B 210 8.49 8.58 -14.20
CA THR B 210 9.11 7.48 -13.56
C THR B 210 8.14 6.30 -13.77
N TRP B 211 8.63 5.35 -14.56
CA TRP B 211 7.78 4.17 -14.79
C TRP B 211 7.97 3.11 -13.70
N ILE B 212 6.83 2.53 -13.30
CA ILE B 212 6.82 1.45 -12.29
C ILE B 212 5.95 0.35 -12.99
N VAL B 213 6.54 -0.74 -13.44
CA VAL B 213 5.80 -1.75 -14.22
C VAL B 213 5.73 -2.99 -13.35
N LEU B 214 4.52 -3.39 -13.01
CA LEU B 214 4.37 -4.60 -12.17
C LEU B 214 4.61 -5.86 -12.96
N LYS B 215 5.33 -6.83 -12.34
CA LYS B 215 5.60 -8.11 -13.00
C LYS B 215 4.36 -9.01 -13.24
N GLN B 216 3.46 -9.02 -12.30
CA GLN B 216 2.33 -9.99 -12.33
C GLN B 216 1.16 -9.38 -13.08
N PRO B 217 0.69 -10.06 -14.13
CA PRO B 217 -0.49 -9.57 -14.81
C PRO B 217 -1.82 -9.84 -14.04
N ILE B 218 -2.86 -9.07 -14.37
CA ILE B 218 -4.27 -9.37 -13.98
C ILE B 218 -4.98 -9.95 -15.15
N ASN B 219 -6.16 -10.55 -14.90
N ASN B 219 -6.20 -10.48 -14.86
CA ASN B 219 -6.85 -11.20 -16.00
CA ASN B 219 -7.04 -11.11 -15.88
C ASN B 219 -7.98 -10.36 -16.52
C ASN B 219 -8.05 -10.21 -16.54
N ILE B 220 -8.34 -10.54 -17.80
CA ILE B 220 -9.46 -9.99 -18.44
C ILE B 220 -10.03 -11.08 -19.39
N SER B 221 -11.32 -11.09 -19.63
CA SER B 221 -11.74 -12.12 -20.63
C SER B 221 -11.52 -11.57 -22.02
N SER B 222 -11.45 -12.51 -22.98
N SER B 222 -11.45 -12.48 -23.02
CA SER B 222 -11.39 -12.06 -24.36
CA SER B 222 -11.40 -11.96 -24.42
C SER B 222 -12.57 -11.20 -24.79
C SER B 222 -12.60 -11.12 -24.79
N GLN B 223 -13.80 -11.49 -24.30
CA GLN B 223 -14.95 -10.66 -24.67
C GLN B 223 -14.94 -9.26 -24.07
N GLN B 224 -14.53 -9.16 -22.81
CA GLN B 224 -14.31 -7.81 -22.24
C GLN B 224 -13.27 -7.00 -23.01
N LEU B 225 -12.12 -7.64 -23.32
CA LEU B 225 -11.09 -6.86 -24.04
C LEU B 225 -11.57 -6.39 -25.38
N ALA B 226 -12.26 -7.30 -26.08
CA ALA B 226 -12.76 -6.91 -27.40
C ALA B 226 -13.69 -5.72 -27.42
N LYS B 227 -14.41 -5.45 -26.31
CA LYS B 227 -15.28 -4.32 -26.25
C LYS B 227 -14.55 -3.00 -26.45
N PHE B 228 -13.29 -2.93 -25.95
CA PHE B 228 -12.55 -1.70 -26.12
C PHE B 228 -12.27 -1.36 -27.54
N ARG B 229 -12.16 -2.37 -28.41
CA ARG B 229 -11.83 -2.11 -29.80
C ARG B 229 -12.99 -1.56 -30.57
N SER B 230 -14.18 -1.57 -29.98
CA SER B 230 -15.36 -0.89 -30.60
C SER B 230 -15.42 0.61 -30.33
N LEU B 231 -14.52 1.17 -29.49
CA LEU B 231 -14.49 2.59 -29.41
C LEU B 231 -14.09 3.19 -30.75
N LEU B 232 -14.57 4.39 -31.06
CA LEU B 232 -14.12 5.09 -32.28
C LEU B 232 -12.99 6.05 -31.99
N CYS B 233 -12.09 6.22 -32.97
CA CYS B 233 -11.07 7.22 -32.85
C CYS B 233 -11.50 8.48 -33.56
N THR B 234 -12.75 8.42 -34.04
CA THR B 234 -13.41 9.55 -34.71
C THR B 234 -14.61 10.14 -33.96
N ALA B 235 -14.79 11.47 -34.10
CA ALA B 235 -15.90 12.25 -33.45
C ALA B 235 -17.25 12.02 -34.10
N GLU B 236 -18.31 12.27 -33.34
CA GLU B 236 -19.69 12.22 -33.87
C GLU B 236 -19.74 12.89 -35.24
N GLY B 237 -20.26 12.18 -36.24
CA GLY B 237 -20.39 12.73 -37.60
C GLY B 237 -19.18 12.85 -38.53
N GLU B 238 -18.03 12.25 -38.21
CA GLU B 238 -17.01 12.06 -39.27
C GLU B 238 -17.11 10.61 -39.68
N ALA B 239 -16.35 10.21 -40.69
CA ALA B 239 -16.37 8.84 -41.16
C ALA B 239 -15.76 7.92 -40.04
N ALA B 240 -16.54 6.92 -39.59
CA ALA B 240 -16.17 5.99 -38.47
C ALA B 240 -14.87 5.24 -38.72
N ALA B 241 -14.00 5.25 -37.71
CA ALA B 241 -12.80 4.41 -37.78
C ALA B 241 -12.63 3.89 -36.37
N PHE B 242 -12.29 2.61 -36.25
CA PHE B 242 -12.27 1.99 -34.92
C PHE B 242 -10.89 1.96 -34.29
N LEU B 243 -10.89 2.13 -32.94
CA LEU B 243 -9.65 2.11 -32.14
C LEU B 243 -9.27 0.63 -31.88
N VAL B 244 -8.91 -0.12 -32.96
CA VAL B 244 -8.66 -1.57 -32.78
C VAL B 244 -7.33 -1.82 -32.10
N SER B 245 -6.44 -0.80 -32.11
CA SER B 245 -5.08 -0.98 -31.56
C SER B 245 -4.54 0.39 -31.18
N ASN B 246 -3.84 0.45 -30.03
CA ASN B 246 -3.44 1.80 -29.49
C ASN B 246 -2.22 1.63 -28.62
N HIS B 247 -1.27 0.84 -29.09
CA HIS B 247 -0.03 0.63 -28.31
C HIS B 247 1.16 1.09 -29.12
N ARG B 248 2.14 1.72 -28.44
CA ARG B 248 3.29 2.27 -29.14
C ARG B 248 4.37 1.15 -29.06
N PRO B 249 5.18 0.97 -30.10
CA PRO B 249 6.22 0.00 -30.10
C PRO B 249 7.30 0.32 -29.08
N PRO B 250 8.06 -0.66 -28.63
CA PRO B 250 9.20 -0.36 -27.69
C PRO B 250 10.29 0.57 -28.33
N GLN B 251 10.91 1.37 -27.44
CA GLN B 251 11.86 2.39 -27.91
C GLN B 251 13.22 2.01 -27.31
N PRO B 252 14.31 2.50 -27.95
CA PRO B 252 15.69 2.17 -27.53
C PRO B 252 16.00 2.61 -26.09
N LEU B 253 16.66 1.70 -25.44
CA LEU B 253 16.96 1.91 -24.02
C LEU B 253 17.96 3.08 -23.82
N LYS B 254 18.83 3.24 -24.80
CA LYS B 254 19.78 4.32 -24.76
C LYS B 254 20.58 4.47 -23.41
N GLY B 255 20.98 3.35 -22.88
CA GLY B 255 21.85 3.30 -21.67
C GLY B 255 21.21 3.61 -20.34
N ARG B 256 19.88 3.65 -20.35
CA ARG B 256 19.18 3.72 -19.04
C ARG B 256 19.25 2.44 -18.27
N LYS B 257 19.17 2.56 -16.93
CA LYS B 257 19.22 1.44 -16.03
C LYS B 257 17.81 1.00 -15.62
N VAL B 258 17.45 -0.23 -15.92
CA VAL B 258 16.11 -0.70 -15.45
C VAL B 258 16.44 -1.45 -14.20
N ARG B 259 15.71 -1.10 -13.11
CA ARG B 259 15.95 -1.75 -11.81
C ARG B 259 14.76 -2.65 -11.41
N ALA B 260 15.05 -3.64 -10.58
CA ALA B 260 14.02 -4.59 -10.10
C ALA B 260 13.92 -4.37 -8.64
N SER B 261 12.69 -4.42 -8.12
CA SER B 261 12.48 -4.36 -6.66
C SER B 261 12.61 -5.70 -5.97
N PHE B 262 12.91 -6.74 -6.74
CA PHE B 262 12.80 -8.09 -6.22
C PHE B 262 13.94 -8.91 -6.89
N HIS B 263 14.30 -10.05 -6.29
CA HIS B 263 15.26 -10.99 -6.99
C HIS B 263 15.00 -12.40 -6.54
#